data_3NUR
#
_entry.id   3NUR
#
_cell.length_a   83.289
_cell.length_b   99.160
_cell.length_c   92.126
_cell.angle_alpha   90.00
_cell.angle_beta   90.00
_cell.angle_gamma   90.00
#
_symmetry.space_group_name_H-M   'C 2 2 21'
#
loop_
_entity.id
_entity.type
_entity.pdbx_description
1 polymer Amidohydrolase
2 non-polymer 'CALCIUM ION'
3 water water
#
_entity_poly.entity_id   1
_entity_poly.type   'polypeptide(L)'
_entity_poly.pdbx_seq_one_letter_code
;(MSE)GSSHHHHHHSSGRENLYFQG(MSE)KSITFEEHYVIEDIQKET(MSE)NAISADPKGVP(MSE)KV(MSE)LEGL
EKKTGFTNADELSHHDERIQF(MSE)NNQDVQIQVLSYGNGSPSNLVGQKAIELCQKANDQLANYIAQYPNRFVGFATLP
INEPEAAAREFERCINDLGFKGALI(MSE)GRAQDGFLDQDKYDIIFKTAENLDVPIYLHPAPVNSDIYQSYYKGNYPEV
TAATFACFGYGWHIDVGIHAIHLVLSGIFDRYPKLN(MSE)IIGHWGEFIPFFLER(MSE)DEALFAEHLNHSVSYYFKN
SFYITPSG(MSE)LTKPQFDLVKKEVGIDRILYAADYPYIEPEKLGVFLDELGLTDEEKEKISYTNGAKLLGLSSNN
;
_entity_poly.pdbx_strand_id   A
#
loop_
_chem_comp.id
_chem_comp.type
_chem_comp.name
_chem_comp.formula
CA non-polymer 'CALCIUM ION' 'Ca 2'
#
# COMPACT_ATOMS: atom_id res chain seq x y z
N MSE A 22 16.91 -1.02 17.62
CA MSE A 22 16.72 -1.77 16.38
C MSE A 22 16.05 -0.88 15.31
O MSE A 22 14.97 -0.33 15.57
CB MSE A 22 15.89 -3.02 16.64
CG MSE A 22 15.98 -4.06 15.53
SE MSE A 22 14.67 -5.49 15.72
CE MSE A 22 15.38 -6.36 17.35
N LYS A 23 16.68 -0.76 14.13
CA LYS A 23 16.17 0.11 13.06
C LYS A 23 15.15 -0.57 12.16
N SER A 24 14.25 0.24 11.59
CA SER A 24 13.18 -0.29 10.76
C SER A 24 13.16 0.26 9.36
N ILE A 25 12.46 -0.46 8.49
CA ILE A 25 12.12 -0.04 7.13
C ILE A 25 10.58 0.15 7.23
N THR A 26 10.07 1.35 6.89
CA THR A 26 8.62 1.62 6.98
C THR A 26 8.04 1.72 5.55
N PHE A 27 6.89 1.06 5.33
CA PHE A 27 6.35 0.87 3.98
C PHE A 27 5.20 1.75 3.47
N GLU A 28 4.54 2.50 4.36
CA GLU A 28 3.42 3.34 3.92
C GLU A 28 3.66 4.73 4.40
N GLU A 29 4.59 5.42 3.74
CA GLU A 29 5.05 6.75 4.16
C GLU A 29 4.84 7.66 2.96
N HIS A 30 4.13 8.79 3.18
CA HIS A 30 3.67 9.62 2.09
C HIS A 30 4.33 10.95 1.88
N TYR A 31 4.26 11.40 0.63
CA TYR A 31 4.71 12.73 0.25
C TYR A 31 3.73 13.31 -0.75
N VAL A 32 3.71 14.64 -0.90
CA VAL A 32 2.95 15.30 -1.97
C VAL A 32 3.88 16.39 -2.49
N ILE A 33 3.58 16.90 -3.70
CA ILE A 33 4.33 18.00 -4.30
CA ILE A 33 4.32 17.98 -4.35
C ILE A 33 3.34 19.16 -4.48
N GLU A 34 3.63 20.30 -3.82
CA GLU A 34 2.76 21.48 -3.83
C GLU A 34 2.27 21.88 -5.24
N ASP A 35 3.18 21.97 -6.21
CA ASP A 35 2.84 22.34 -7.59
C ASP A 35 1.92 21.33 -8.26
N ILE A 36 2.04 20.03 -7.90
CA ILE A 36 1.17 18.97 -8.43
C ILE A 36 -0.18 19.08 -7.73
N GLN A 37 -0.17 19.42 -6.42
CA GLN A 37 -1.43 19.60 -5.67
C GLN A 37 -2.30 20.72 -6.25
N LYS A 38 -1.69 21.81 -6.74
CA LYS A 38 -2.42 22.93 -7.34
C LYS A 38 -3.17 22.46 -8.61
N GLU A 39 -2.59 21.49 -9.34
CA GLU A 39 -3.14 20.92 -10.57
C GLU A 39 -4.19 19.83 -10.33
N THR A 40 -3.98 18.94 -9.34
CA THR A 40 -4.92 17.87 -9.02
C THR A 40 -6.11 18.44 -8.22
N ASN A 68 0.35 19.94 6.25
CA ASN A 68 1.38 20.45 5.35
C ASN A 68 2.66 19.60 5.37
N ALA A 69 2.88 18.79 6.43
CA ALA A 69 4.08 17.95 6.59
C ALA A 69 4.25 16.87 5.51
N ASP A 70 3.21 16.64 4.69
CA ASP A 70 3.32 15.69 3.58
C ASP A 70 4.11 16.30 2.42
N GLU A 71 4.23 17.65 2.35
CA GLU A 71 4.99 18.28 1.26
C GLU A 71 6.44 17.82 1.28
N LEU A 72 6.93 17.36 0.13
CA LEU A 72 8.28 16.81 0.00
C LEU A 72 9.38 17.76 0.52
N SER A 73 9.12 19.07 0.52
CA SER A 73 10.04 20.11 1.03
C SER A 73 10.19 20.07 2.57
N HIS A 74 9.27 19.40 3.29
CA HIS A 74 9.30 19.31 4.75
C HIS A 74 10.23 18.17 5.23
N HIS A 75 11.48 18.24 4.76
CA HIS A 75 12.53 17.25 4.99
C HIS A 75 12.92 17.10 6.48
N ASP A 76 13.18 18.22 7.14
CA ASP A 76 13.59 18.19 8.55
C ASP A 76 12.55 17.58 9.47
N GLU A 77 11.26 17.88 9.24
CA GLU A 77 10.17 17.29 10.03
C GLU A 77 10.14 15.77 9.84
N ARG A 78 10.37 15.32 8.61
CA ARG A 78 10.39 13.89 8.24
C ARG A 78 11.58 13.17 8.94
N ILE A 79 12.78 13.76 8.84
CA ILE A 79 14.00 13.17 9.45
C ILE A 79 13.91 13.13 10.96
N GLN A 80 13.34 14.18 11.58
CA GLN A 80 13.17 14.24 13.04
C GLN A 80 12.32 13.05 13.48
N PHE A 81 11.19 12.81 12.76
CA PHE A 81 10.30 11.69 13.09
C PHE A 81 11.03 10.36 12.95
N MSE A 82 11.70 10.13 11.81
CA MSE A 82 12.41 8.88 11.56
C MSE A 82 13.48 8.60 12.59
O MSE A 82 13.53 7.50 13.15
CB MSE A 82 13.00 8.88 10.16
CG MSE A 82 11.93 8.89 9.07
SE MSE A 82 12.71 9.36 7.37
CE MSE A 82 13.88 7.84 7.10
N ASN A 83 14.34 9.62 12.89
CA ASN A 83 15.41 9.47 13.87
C ASN A 83 14.91 9.18 15.27
N ASN A 84 13.86 9.88 15.70
CA ASN A 84 13.28 9.66 17.02
C ASN A 84 12.58 8.32 17.17
N GLN A 85 12.08 7.77 16.04
CA GLN A 85 11.35 6.48 16.04
C GLN A 85 12.16 5.29 15.54
N ASP A 86 13.48 5.46 15.40
CA ASP A 86 14.41 4.40 14.97
C ASP A 86 14.09 3.84 13.58
N VAL A 87 13.61 4.71 12.68
CA VAL A 87 13.32 4.34 11.30
C VAL A 87 14.56 4.66 10.47
N GLN A 88 15.16 3.64 9.83
CA GLN A 88 16.32 3.81 8.96
C GLN A 88 15.82 4.24 7.59
N ILE A 89 14.78 3.56 7.06
CA ILE A 89 14.27 3.86 5.73
C ILE A 89 12.77 4.07 5.69
N GLN A 90 12.34 5.10 4.93
CA GLN A 90 10.95 5.27 4.59
C GLN A 90 10.85 4.90 3.11
N VAL A 91 9.87 4.08 2.76
CA VAL A 91 9.55 3.72 1.37
C VAL A 91 8.48 4.77 1.02
N LEU A 92 8.83 5.70 0.11
CA LEU A 92 7.97 6.85 -0.17
C LEU A 92 6.98 6.66 -1.32
N SER A 93 5.71 7.07 -1.10
CA SER A 93 4.62 6.99 -2.08
C SER A 93 3.79 8.27 -2.05
N TYR A 94 3.12 8.64 -3.17
CA TYR A 94 2.30 9.84 -3.20
C TYR A 94 1.10 9.72 -2.25
N GLY A 95 0.83 10.80 -1.52
CA GLY A 95 -0.25 10.87 -0.54
C GLY A 95 -1.57 11.38 -1.10
N ASN A 96 -2.27 12.18 -0.30
CA ASN A 96 -3.61 12.70 -0.66
C ASN A 96 -3.60 13.46 -1.98
N GLY A 97 -4.62 13.20 -2.80
CA GLY A 97 -4.75 13.85 -4.11
C GLY A 97 -3.78 13.38 -5.15
N SER A 98 -3.37 12.09 -5.07
CA SER A 98 -2.42 11.52 -6.04
C SER A 98 -2.89 11.75 -7.49
N PRO A 99 -1.97 12.09 -8.42
CA PRO A 99 -2.37 12.25 -9.84
C PRO A 99 -2.77 10.93 -10.51
N SER A 100 -2.61 9.78 -9.81
CA SER A 100 -3.03 8.48 -10.36
C SER A 100 -4.56 8.43 -10.59
N ASN A 101 -5.34 9.28 -9.88
CA ASN A 101 -6.80 9.27 -10.03
C ASN A 101 -7.30 10.11 -11.22
N LEU A 102 -6.40 10.86 -11.88
CA LEU A 102 -6.72 11.67 -13.06
C LEU A 102 -6.78 10.79 -14.31
N VAL A 103 -7.17 11.37 -15.46
CA VAL A 103 -7.25 10.60 -16.69
C VAL A 103 -6.34 11.17 -17.77
N GLY A 104 -6.07 10.33 -18.76
CA GLY A 104 -5.33 10.65 -19.97
C GLY A 104 -3.94 11.22 -19.82
N GLN A 105 -3.57 12.09 -20.79
CA GLN A 105 -2.27 12.73 -20.84
C GLN A 105 -1.91 13.51 -19.57
N LYS A 106 -2.91 14.22 -18.98
CA LYS A 106 -2.66 14.97 -17.73
C LYS A 106 -2.20 14.02 -16.61
N ALA A 107 -2.87 12.84 -16.46
CA ALA A 107 -2.50 11.83 -15.45
C ALA A 107 -1.07 11.34 -15.72
N ILE A 108 -0.77 11.03 -17.00
CA ILE A 108 0.56 10.58 -17.40
C ILE A 108 1.66 11.59 -17.03
N GLU A 109 1.50 12.86 -17.48
CA GLU A 109 2.49 13.92 -17.24
C GLU A 109 2.69 14.22 -15.75
N LEU A 110 1.60 14.29 -14.97
CA LEU A 110 1.70 14.57 -13.55
C LEU A 110 2.32 13.43 -12.76
N CYS A 111 2.07 12.14 -13.16
CA CYS A 111 2.71 11.00 -12.48
C CYS A 111 4.23 11.02 -12.77
N GLN A 112 4.59 11.30 -14.05
CA GLN A 112 6.01 11.39 -14.46
C GLN A 112 6.75 12.46 -13.65
N LYS A 113 6.12 13.59 -13.44
CA LYS A 113 6.68 14.69 -12.68
C LYS A 113 6.88 14.31 -11.21
N ALA A 114 5.83 13.63 -10.64
CA ALA A 114 5.93 13.25 -9.24
C ALA A 114 7.11 12.30 -9.09
N ASN A 115 7.20 11.25 -9.95
CA ASN A 115 8.28 10.25 -9.88
C ASN A 115 9.67 10.88 -10.06
N ASP A 116 9.79 11.83 -11.01
CA ASP A 116 11.07 12.51 -11.24
C ASP A 116 11.48 13.33 -10.03
N GLN A 117 10.54 14.08 -9.42
CA GLN A 117 10.86 14.91 -8.26
C GLN A 117 11.22 14.03 -7.07
N LEU A 118 10.52 12.89 -6.91
CA LEU A 118 10.81 11.95 -5.84
C LEU A 118 12.21 11.38 -6.00
N ALA A 119 12.57 10.94 -7.22
CA ALA A 119 13.91 10.41 -7.53
C ALA A 119 15.02 11.43 -7.22
N ASN A 120 14.81 12.74 -7.53
CA ASN A 120 15.75 13.83 -7.22
C ASN A 120 15.95 13.96 -5.71
N TYR A 121 14.87 13.80 -4.94
CA TYR A 121 14.91 13.89 -3.48
C TYR A 121 15.67 12.70 -2.88
N ILE A 122 15.38 11.49 -3.35
CA ILE A 122 16.03 10.27 -2.83
C ILE A 122 17.53 10.31 -3.13
N ALA A 123 17.90 10.83 -4.32
CA ALA A 123 19.32 10.95 -4.73
C ALA A 123 20.15 11.78 -3.72
N GLN A 124 19.48 12.77 -3.04
CA GLN A 124 20.11 13.61 -2.01
C GLN A 124 20.29 12.86 -0.69
N TYR A 125 19.35 11.95 -0.33
CA TYR A 125 19.42 11.15 0.92
C TYR A 125 19.22 9.65 0.58
N PRO A 126 20.16 9.01 -0.20
CA PRO A 126 19.93 7.63 -0.67
C PRO A 126 19.93 6.54 0.38
N ASN A 127 20.50 6.84 1.55
CA ASN A 127 20.55 5.86 2.63
C ASN A 127 19.28 5.85 3.48
N ARG A 128 18.41 6.85 3.32
CA ARG A 128 17.20 6.96 4.17
C ARG A 128 15.89 6.74 3.47
N PHE A 129 15.91 6.71 2.13
CA PHE A 129 14.69 6.59 1.35
C PHE A 129 14.80 5.64 0.20
N VAL A 130 13.68 5.02 -0.10
CA VAL A 130 13.47 4.13 -1.25
C VAL A 130 12.16 4.63 -1.89
N GLY A 131 12.07 4.59 -3.21
CA GLY A 131 10.85 5.08 -3.85
C GLY A 131 9.91 4.03 -4.38
N PHE A 132 8.60 4.33 -4.26
CA PHE A 132 7.54 3.54 -4.86
C PHE A 132 6.94 4.41 -5.95
N ALA A 133 6.68 3.81 -7.11
CA ALA A 133 6.12 4.51 -8.28
C ALA A 133 4.67 4.96 -8.08
N THR A 134 4.34 6.11 -8.67
CA THR A 134 2.98 6.68 -8.75
C THR A 134 2.62 6.49 -10.23
N LEU A 135 1.53 5.74 -10.49
CA LEU A 135 1.18 5.34 -11.85
C LEU A 135 -0.12 5.89 -12.37
N PRO A 136 -0.19 6.24 -13.67
CA PRO A 136 -1.48 6.69 -14.24
C PRO A 136 -2.35 5.49 -14.59
N ILE A 137 -2.94 4.84 -13.57
CA ILE A 137 -3.72 3.59 -13.73
C ILE A 137 -4.85 3.65 -14.78
N ASN A 138 -5.42 4.84 -14.98
CA ASN A 138 -6.49 5.05 -15.96
C ASN A 138 -6.00 4.96 -17.41
N GLU A 139 -4.65 4.88 -17.60
CA GLU A 139 -3.97 4.68 -18.89
C GLU A 139 -3.06 3.45 -18.71
N PRO A 140 -3.62 2.19 -18.67
CA PRO A 140 -2.78 1.04 -18.27
C PRO A 140 -1.50 0.75 -19.02
N GLU A 141 -1.50 0.92 -20.35
CA GLU A 141 -0.27 0.66 -21.10
C GLU A 141 0.77 1.73 -20.79
N ALA A 142 0.33 3.00 -20.62
CA ALA A 142 1.22 4.10 -20.24
C ALA A 142 1.72 3.87 -18.80
N ALA A 143 0.84 3.34 -17.93
CA ALA A 143 1.20 3.05 -16.53
C ALA A 143 2.28 1.96 -16.46
N ALA A 144 2.16 0.92 -17.29
CA ALA A 144 3.16 -0.15 -17.34
C ALA A 144 4.53 0.37 -17.81
N ARG A 145 4.54 1.30 -18.80
CA ARG A 145 5.80 1.90 -19.29
C ARG A 145 6.42 2.82 -18.23
N GLU A 146 5.58 3.57 -17.49
CA GLU A 146 6.06 4.43 -16.40
C GLU A 146 6.59 3.58 -15.23
N PHE A 147 5.97 2.43 -15.00
CA PHE A 147 6.39 1.49 -13.96
C PHE A 147 7.83 1.02 -14.29
N GLU A 148 8.05 0.58 -15.54
CA GLU A 148 9.35 0.11 -16.01
C GLU A 148 10.39 1.22 -15.88
N ARG A 149 10.00 2.48 -16.25
CA ARG A 149 10.89 3.64 -16.16
C ARG A 149 11.31 3.89 -14.71
N CYS A 150 10.34 3.84 -13.77
CA CYS A 150 10.62 4.03 -12.35
C CYS A 150 11.60 3.01 -11.82
N ILE A 151 11.41 1.75 -12.17
CA ILE A 151 12.27 0.69 -11.67
C ILE A 151 13.64 0.76 -12.31
N ASN A 152 13.70 0.75 -13.64
CA ASN A 152 14.96 0.72 -14.38
C ASN A 152 15.76 2.04 -14.49
N ASP A 153 15.08 3.19 -14.57
CA ASP A 153 15.77 4.47 -14.66
C ASP A 153 15.88 5.18 -13.34
N LEU A 154 14.84 5.11 -12.48
CA LEU A 154 14.83 5.85 -11.23
C LEU A 154 15.28 5.07 -10.00
N GLY A 155 15.44 3.75 -10.14
CA GLY A 155 15.88 2.92 -9.02
C GLY A 155 14.81 2.71 -7.95
N PHE A 156 13.53 2.83 -8.36
CA PHE A 156 12.40 2.59 -7.45
C PHE A 156 12.27 1.07 -7.21
N LYS A 157 11.52 0.68 -6.17
CA LYS A 157 11.42 -0.70 -5.73
C LYS A 157 10.01 -1.29 -5.65
N GLY A 158 9.07 -0.62 -6.32
CA GLY A 158 7.69 -1.07 -6.43
C GLY A 158 6.78 0.07 -6.82
N ALA A 159 5.49 -0.09 -6.61
CA ALA A 159 4.53 0.97 -6.89
C ALA A 159 3.50 0.94 -5.78
N LEU A 160 2.92 2.11 -5.48
CA LEU A 160 1.78 2.15 -4.55
C LEU A 160 0.64 2.71 -5.37
N ILE A 161 -0.51 2.03 -5.37
CA ILE A 161 -1.72 2.41 -6.13
C ILE A 161 -2.83 2.73 -5.16
N MSE A 162 -3.41 3.92 -5.28
CA MSE A 162 -4.50 4.33 -4.42
C MSE A 162 -5.84 4.14 -5.11
O MSE A 162 -6.03 4.59 -6.23
CB MSE A 162 -4.32 5.78 -3.99
CG MSE A 162 -3.52 5.91 -2.69
SE MSE A 162 -3.06 7.75 -2.28
CE MSE A 162 -4.55 8.70 -3.29
N GLY A 163 -6.76 3.52 -4.40
CA GLY A 163 -8.11 3.33 -4.89
C GLY A 163 -8.23 2.41 -6.07
N ARG A 164 -9.04 2.83 -7.04
CA ARG A 164 -9.34 2.02 -8.19
C ARG A 164 -9.41 2.87 -9.47
N ALA A 165 -9.63 2.22 -10.59
CA ALA A 165 -9.76 2.91 -11.86
C ALA A 165 -11.14 3.60 -11.97
N GLN A 166 -11.29 4.54 -12.91
CA GLN A 166 -12.55 5.24 -13.15
C GLN A 166 -13.67 4.27 -13.52
N ASP A 167 -13.32 3.11 -14.10
CA ASP A 167 -14.33 2.13 -14.51
C ASP A 167 -14.42 0.87 -13.61
N GLY A 168 -13.80 0.93 -12.44
CA GLY A 168 -13.88 -0.17 -11.49
C GLY A 168 -12.56 -0.72 -11.00
N PHE A 169 -12.62 -1.95 -10.47
CA PHE A 169 -11.46 -2.62 -9.90
C PHE A 169 -10.47 -3.07 -10.94
N LEU A 170 -9.23 -3.27 -10.50
CA LEU A 170 -8.09 -3.64 -11.35
C LEU A 170 -8.02 -5.13 -11.77
N ASP A 171 -9.09 -5.93 -11.48
CA ASP A 171 -9.16 -7.33 -11.94
C ASP A 171 -9.58 -7.39 -13.43
N GLN A 172 -10.04 -6.26 -13.97
CA GLN A 172 -10.47 -6.18 -15.39
C GLN A 172 -9.30 -6.48 -16.33
N ASP A 173 -9.57 -7.16 -17.44
CA ASP A 173 -8.54 -7.56 -18.40
C ASP A 173 -7.56 -6.45 -18.82
N LYS A 174 -8.07 -5.24 -19.07
CA LYS A 174 -7.26 -4.09 -19.52
C LYS A 174 -6.12 -3.69 -18.56
N TYR A 175 -6.23 -4.06 -17.26
CA TYR A 175 -5.23 -3.73 -16.24
C TYR A 175 -4.22 -4.85 -16.00
N ASP A 176 -4.42 -6.02 -16.64
CA ASP A 176 -3.51 -7.17 -16.48
C ASP A 176 -2.03 -6.78 -16.69
N ILE A 177 -1.75 -5.91 -17.68
CA ILE A 177 -0.41 -5.43 -18.03
C ILE A 177 0.37 -4.83 -16.84
N ILE A 178 -0.34 -4.20 -15.88
CA ILE A 178 0.29 -3.58 -14.70
C ILE A 178 0.89 -4.68 -13.81
N PHE A 179 0.12 -5.77 -13.56
CA PHE A 179 0.54 -6.90 -12.74
C PHE A 179 1.64 -7.70 -13.42
N LYS A 180 1.52 -7.91 -14.74
CA LYS A 180 2.52 -8.61 -15.56
C LYS A 180 3.85 -7.86 -15.45
N THR A 181 3.80 -6.53 -15.51
CA THR A 181 4.97 -5.65 -15.43
C THR A 181 5.65 -5.77 -14.07
N ALA A 182 4.86 -5.70 -12.98
CA ALA A 182 5.38 -5.85 -11.63
C ALA A 182 6.10 -7.21 -11.47
N GLU A 183 5.51 -8.32 -11.95
CA GLU A 183 6.16 -9.63 -11.83
C GLU A 183 7.49 -9.67 -12.61
N ASN A 184 7.46 -9.15 -13.86
CA ASN A 184 8.64 -9.07 -14.74
C ASN A 184 9.76 -8.27 -14.09
N LEU A 185 9.42 -7.17 -13.40
CA LEU A 185 10.39 -6.32 -12.72
C LEU A 185 10.78 -6.84 -11.32
N ASP A 186 10.08 -7.90 -10.82
CA ASP A 186 10.32 -8.51 -9.49
C ASP A 186 10.14 -7.49 -8.35
N VAL A 187 9.07 -6.68 -8.46
CA VAL A 187 8.79 -5.65 -7.45
C VAL A 187 7.33 -5.78 -6.97
N PRO A 188 7.02 -5.38 -5.70
CA PRO A 188 5.62 -5.48 -5.24
C PRO A 188 4.77 -4.27 -5.61
N ILE A 189 3.44 -4.42 -5.46
CA ILE A 189 2.47 -3.34 -5.64
C ILE A 189 1.77 -3.18 -4.28
N TYR A 190 1.79 -1.98 -3.71
CA TYR A 190 1.08 -1.67 -2.47
C TYR A 190 -0.29 -1.15 -2.91
N LEU A 191 -1.39 -1.81 -2.48
CA LEU A 191 -2.77 -1.39 -2.84
C LEU A 191 -3.32 -0.65 -1.61
N HIS A 192 -3.53 0.66 -1.78
CA HIS A 192 -3.91 1.60 -0.71
C HIS A 192 -5.35 2.11 -0.89
N PRO A 193 -6.06 2.47 0.21
CA PRO A 193 -7.43 2.98 0.05
C PRO A 193 -7.50 4.38 -0.56
N ALA A 194 -8.69 4.74 -1.05
CA ALA A 194 -9.01 6.07 -1.57
C ALA A 194 -10.55 6.23 -1.50
N PRO A 195 -11.08 7.47 -1.63
CA PRO A 195 -12.55 7.65 -1.53
C PRO A 195 -13.36 6.67 -2.36
N VAL A 196 -14.44 6.13 -1.77
CA VAL A 196 -15.33 5.17 -2.46
C VAL A 196 -16.17 5.92 -3.50
N ASN A 197 -16.72 5.16 -4.45
CA ASN A 197 -17.57 5.76 -5.50
C ASN A 197 -18.86 6.30 -4.89
N SER A 198 -19.49 7.28 -5.55
CA SER A 198 -20.69 7.93 -5.05
C SER A 198 -21.85 6.94 -4.77
N ASP A 199 -21.98 5.89 -5.58
CA ASP A 199 -23.06 4.92 -5.41
C ASP A 199 -22.90 4.12 -4.10
N ILE A 200 -21.66 3.73 -3.76
CA ILE A 200 -21.36 3.05 -2.47
C ILE A 200 -21.60 4.06 -1.31
N TYR A 201 -21.11 5.31 -1.45
CA TYR A 201 -21.30 6.31 -0.39
C TYR A 201 -22.78 6.50 -0.05
N GLN A 202 -23.62 6.67 -1.09
CA GLN A 202 -25.07 6.88 -0.91
C GLN A 202 -25.78 5.62 -0.35
N SER A 203 -25.41 4.42 -0.80
CA SER A 203 -26.07 3.20 -0.33
C SER A 203 -25.64 2.74 1.05
N TYR A 204 -24.33 2.77 1.31
CA TYR A 204 -23.79 2.22 2.55
C TYR A 204 -23.46 3.19 3.68
N TYR A 205 -23.01 4.40 3.35
CA TYR A 205 -22.49 5.31 4.39
C TYR A 205 -23.36 6.49 4.78
N LYS A 206 -24.19 6.98 3.86
CA LYS A 206 -25.15 8.02 4.25
C LYS A 206 -26.20 7.32 5.11
N GLY A 207 -26.57 7.93 6.22
CA GLY A 207 -27.56 7.33 7.10
C GLY A 207 -28.23 8.38 7.95
N ASN A 208 -28.91 7.94 9.02
CA ASN A 208 -29.64 8.83 9.91
C ASN A 208 -28.74 9.43 10.98
N TYR A 209 -27.80 10.29 10.52
CA TYR A 209 -26.82 10.94 11.37
C TYR A 209 -26.15 12.08 10.58
N PRO A 210 -25.32 12.94 11.21
CA PRO A 210 -24.71 14.05 10.47
C PRO A 210 -23.84 13.65 9.30
N GLU A 211 -23.72 14.58 8.34
CA GLU A 211 -22.91 14.39 7.15
C GLU A 211 -21.45 14.14 7.48
N VAL A 212 -20.90 14.84 8.49
CA VAL A 212 -19.50 14.62 8.89
C VAL A 212 -19.30 13.17 9.35
N THR A 213 -20.33 12.60 10.03
CA THR A 213 -20.31 11.20 10.47
C THR A 213 -20.30 10.28 9.25
N ALA A 214 -21.19 10.52 8.28
CA ALA A 214 -21.26 9.71 7.08
C ALA A 214 -19.92 9.76 6.32
N ALA A 215 -19.32 10.96 6.17
CA ALA A 215 -18.07 11.10 5.42
C ALA A 215 -16.90 10.37 6.07
N THR A 216 -16.72 10.51 7.40
CA THR A 216 -15.62 9.82 8.08
C THR A 216 -15.87 8.28 8.09
N PHE A 217 -17.14 7.87 8.26
CA PHE A 217 -17.56 6.46 8.23
C PHE A 217 -17.17 5.85 6.85
N ALA A 218 -17.45 6.58 5.76
CA ALA A 218 -17.14 6.13 4.40
C ALA A 218 -15.66 6.09 4.13
N CYS A 219 -14.88 6.95 4.80
CA CYS A 219 -13.45 7.01 4.55
C CYS A 219 -12.63 6.20 5.57
N PHE A 220 -11.72 6.86 6.29
CA PHE A 220 -10.81 6.22 7.27
C PHE A 220 -11.46 5.58 8.50
N GLY A 221 -12.71 5.92 8.78
CA GLY A 221 -13.44 5.32 9.89
C GLY A 221 -13.79 3.86 9.66
N TYR A 222 -13.96 3.46 8.36
CA TYR A 222 -14.40 2.10 8.01
C TYR A 222 -14.41 1.85 6.49
N GLY A 223 -15.22 2.62 5.77
CA GLY A 223 -15.56 2.43 4.37
C GLY A 223 -14.45 2.22 3.37
N TRP A 224 -13.43 3.09 3.37
CA TRP A 224 -12.43 2.90 2.33
C TRP A 224 -11.50 1.72 2.58
N HIS A 225 -11.52 1.22 3.83
CA HIS A 225 -10.76 0.01 4.23
C HIS A 225 -11.53 -1.23 3.75
N ILE A 226 -12.86 -1.24 3.96
CA ILE A 226 -13.72 -2.31 3.45
C ILE A 226 -13.51 -2.40 1.93
N ASP A 227 -13.51 -1.22 1.26
CA ASP A 227 -13.34 -1.15 -0.18
C ASP A 227 -12.03 -1.78 -0.70
N VAL A 228 -10.88 -1.40 -0.10
CA VAL A 228 -9.60 -1.94 -0.55
C VAL A 228 -9.46 -3.46 -0.32
N GLY A 229 -10.06 -3.98 0.75
CA GLY A 229 -10.05 -5.42 1.03
C GLY A 229 -10.81 -6.15 -0.07
N ILE A 230 -11.97 -5.60 -0.47
CA ILE A 230 -12.78 -6.18 -1.54
CA ILE A 230 -12.81 -6.15 -1.56
C ILE A 230 -11.99 -6.17 -2.85
N HIS A 231 -11.30 -5.05 -3.13
CA HIS A 231 -10.46 -4.88 -4.32
C HIS A 231 -9.36 -5.95 -4.33
N ALA A 232 -8.65 -6.14 -3.20
CA ALA A 232 -7.60 -7.16 -3.15
C ALA A 232 -8.19 -8.56 -3.42
N ILE A 233 -9.39 -8.88 -2.87
CA ILE A 233 -10.04 -10.18 -3.11
C ILE A 233 -10.37 -10.35 -4.59
N HIS A 234 -10.85 -9.28 -5.28
CA HIS A 234 -11.11 -9.34 -6.72
C HIS A 234 -9.84 -9.80 -7.47
N LEU A 235 -8.68 -9.27 -7.06
CA LEU A 235 -7.40 -9.58 -7.70
C LEU A 235 -7.07 -11.06 -7.57
N VAL A 236 -7.31 -11.63 -6.39
CA VAL A 236 -7.07 -13.05 -6.14
C VAL A 236 -8.06 -13.91 -6.96
N LEU A 237 -9.37 -13.63 -6.84
CA LEU A 237 -10.43 -14.39 -7.52
C LEU A 237 -10.32 -14.38 -9.04
N SER A 238 -9.75 -13.30 -9.61
CA SER A 238 -9.55 -13.18 -11.07
C SER A 238 -8.36 -14.03 -11.60
N GLY A 239 -7.59 -14.63 -10.70
CA GLY A 239 -6.46 -15.49 -11.06
C GLY A 239 -5.14 -14.81 -11.40
N ILE A 240 -4.97 -13.54 -10.98
CA ILE A 240 -3.73 -12.77 -11.22
C ILE A 240 -2.50 -13.54 -10.67
N PHE A 241 -2.64 -14.13 -9.48
CA PHE A 241 -1.54 -14.84 -8.85
C PHE A 241 -1.29 -16.26 -9.38
N ASP A 242 -2.16 -16.75 -10.26
CA ASP A 242 -1.95 -18.00 -10.98
C ASP A 242 -1.19 -17.67 -12.27
N ARG A 243 -1.56 -16.54 -12.94
CA ARG A 243 -0.89 -16.04 -14.14
C ARG A 243 0.51 -15.54 -13.78
N TYR A 244 0.63 -14.81 -12.63
CA TYR A 244 1.89 -14.20 -12.15
C TYR A 244 2.23 -14.72 -10.75
N PRO A 245 2.65 -16.01 -10.64
CA PRO A 245 2.86 -16.61 -9.30
C PRO A 245 3.98 -16.04 -8.44
N LYS A 246 4.89 -15.27 -9.04
CA LYS A 246 5.98 -14.65 -8.27
C LYS A 246 5.60 -13.25 -7.78
N LEU A 247 4.44 -12.74 -8.21
CA LEU A 247 3.98 -11.41 -7.81
C LEU A 247 3.62 -11.34 -6.33
N ASN A 248 4.05 -10.25 -5.65
CA ASN A 248 3.64 -9.96 -4.28
C ASN A 248 2.95 -8.63 -4.21
N MSE A 249 1.91 -8.56 -3.41
CA MSE A 249 1.24 -7.30 -3.15
C MSE A 249 1.31 -6.97 -1.69
O MSE A 249 1.57 -7.87 -0.88
CB MSE A 249 -0.16 -7.31 -3.74
CG MSE A 249 0.00 -7.14 -5.26
SE MSE A 249 -1.56 -7.07 -6.09
CE MSE A 249 -2.06 -5.25 -5.49
N ILE A 250 1.19 -5.68 -1.35
CA ILE A 250 1.21 -5.23 0.04
C ILE A 250 -0.11 -4.49 0.34
N ILE A 251 -0.69 -4.75 1.51
CA ILE A 251 -1.89 -4.08 1.99
C ILE A 251 -1.67 -3.63 3.41
N GLY A 252 -2.19 -2.45 3.74
CA GLY A 252 -2.06 -1.85 5.06
C GLY A 252 -3.24 -2.10 5.95
N HIS A 253 -3.34 -1.29 7.02
CA HIS A 253 -4.42 -1.34 8.01
C HIS A 253 -4.74 -2.77 8.45
N TRP A 254 -3.66 -3.53 8.76
CA TRP A 254 -3.74 -4.90 9.23
C TRP A 254 -4.44 -5.88 8.28
N GLY A 255 -4.40 -5.58 6.98
CA GLY A 255 -5.03 -6.45 5.99
C GLY A 255 -6.39 -6.00 5.49
N GLU A 256 -6.84 -4.78 5.86
CA GLU A 256 -8.09 -4.21 5.31
C GLU A 256 -9.27 -5.18 5.47
N PHE A 257 -9.37 -5.73 6.69
CA PHE A 257 -10.37 -6.69 7.20
C PHE A 257 -10.19 -8.13 6.73
N ILE A 258 -9.44 -8.36 5.63
CA ILE A 258 -9.31 -9.72 5.07
C ILE A 258 -8.88 -10.82 6.10
N PRO A 259 -7.87 -10.59 6.99
CA PRO A 259 -7.49 -11.64 7.94
C PRO A 259 -8.59 -12.11 8.88
N PHE A 260 -9.62 -11.27 9.09
CA PHE A 260 -10.75 -11.63 9.96
C PHE A 260 -11.54 -12.82 9.39
N PHE A 261 -11.54 -12.98 8.06
CA PHE A 261 -12.37 -13.99 7.40
C PHE A 261 -11.65 -15.05 6.56
N LEU A 262 -10.33 -15.23 6.72
CA LEU A 262 -9.62 -16.23 5.88
C LEU A 262 -10.21 -17.64 5.93
N GLU A 263 -10.47 -18.16 7.16
CA GLU A 263 -11.03 -19.52 7.32
C GLU A 263 -12.39 -19.60 6.69
N ARG A 264 -13.22 -18.56 6.87
CA ARG A 264 -14.57 -18.53 6.30
C ARG A 264 -14.58 -18.49 4.77
N MSE A 265 -13.62 -17.76 4.17
CA MSE A 265 -13.54 -17.70 2.71
C MSE A 265 -13.18 -19.07 2.14
O MSE A 265 -13.83 -19.50 1.18
CB MSE A 265 -12.54 -16.61 2.30
CG MSE A 265 -12.93 -15.24 2.88
SE MSE A 265 -11.51 -13.90 2.68
CE MSE A 265 -11.92 -13.72 0.97
N ASP A 266 -12.26 -19.80 2.77
CA ASP A 266 -11.92 -21.14 2.30
C ASP A 266 -13.12 -22.09 2.33
N GLU A 267 -13.97 -21.94 3.34
CA GLU A 267 -15.16 -22.79 3.50
C GLU A 267 -16.34 -22.37 2.62
N ALA A 268 -16.51 -21.07 2.39
CA ALA A 268 -17.73 -20.55 1.80
C ALA A 268 -17.65 -19.77 0.51
N LEU A 269 -16.44 -19.42 0.07
CA LEU A 269 -16.33 -18.66 -1.16
C LEU A 269 -15.91 -19.65 -2.23
N PHE A 270 -16.81 -19.98 -3.20
CA PHE A 270 -16.53 -20.97 -4.24
C PHE A 270 -15.56 -20.38 -5.25
N ALA A 271 -14.37 -21.01 -5.40
CA ALA A 271 -13.34 -20.49 -6.31
C ALA A 271 -12.50 -21.65 -6.87
N GLU A 272 -13.19 -22.66 -7.37
CA GLU A 272 -12.56 -23.88 -7.90
C GLU A 272 -11.72 -23.71 -9.15
N HIS A 273 -11.86 -22.57 -9.85
CA HIS A 273 -11.07 -22.22 -11.03
C HIS A 273 -9.63 -21.80 -10.68
N LEU A 274 -9.33 -21.53 -9.40
CA LEU A 274 -7.99 -21.14 -8.98
C LEU A 274 -7.16 -22.38 -8.66
N ASN A 275 -5.83 -22.25 -8.75
CA ASN A 275 -4.93 -23.37 -8.44
C ASN A 275 -4.87 -23.71 -6.95
N HIS A 276 -5.09 -22.69 -6.09
CA HIS A 276 -4.95 -22.82 -4.63
C HIS A 276 -6.20 -22.36 -3.89
N SER A 277 -6.25 -22.63 -2.58
CA SER A 277 -7.36 -22.15 -1.75
CA SER A 277 -7.36 -22.15 -1.75
C SER A 277 -7.25 -20.62 -1.70
N VAL A 278 -8.36 -19.92 -1.41
CA VAL A 278 -8.36 -18.46 -1.32
C VAL A 278 -7.33 -17.95 -0.30
N SER A 279 -7.30 -18.55 0.91
CA SER A 279 -6.37 -18.13 1.97
C SER A 279 -4.91 -18.28 1.59
N TYR A 280 -4.59 -19.29 0.75
CA TYR A 280 -3.21 -19.52 0.28
C TYR A 280 -2.58 -18.28 -0.34
N TYR A 281 -3.34 -17.56 -1.18
CA TYR A 281 -2.82 -16.35 -1.83
C TYR A 281 -2.47 -15.24 -0.86
N PHE A 282 -3.27 -15.09 0.21
CA PHE A 282 -2.94 -14.07 1.23
C PHE A 282 -1.73 -14.49 2.05
N LYS A 283 -1.54 -15.79 2.21
CA LYS A 283 -0.41 -16.25 3.00
C LYS A 283 0.89 -16.27 2.19
N ASN A 284 0.81 -16.40 0.86
CA ASN A 284 2.00 -16.56 0.02
C ASN A 284 2.30 -15.43 -0.96
N SER A 285 1.30 -14.61 -1.28
CA SER A 285 1.46 -13.53 -2.28
C SER A 285 1.15 -12.14 -1.73
N PHE A 286 0.80 -12.03 -0.44
CA PHE A 286 0.53 -10.73 0.16
C PHE A 286 1.41 -10.50 1.36
N TYR A 287 1.69 -9.21 1.65
CA TYR A 287 2.36 -8.77 2.87
C TYR A 287 1.37 -7.83 3.54
N ILE A 288 1.37 -7.79 4.85
CA ILE A 288 0.43 -6.93 5.56
C ILE A 288 1.21 -5.91 6.43
N THR A 289 0.71 -4.67 6.51
CA THR A 289 1.33 -3.64 7.37
C THR A 289 0.29 -3.06 8.35
N PRO A 290 0.75 -2.40 9.43
CA PRO A 290 -0.20 -1.80 10.39
C PRO A 290 -0.69 -0.41 9.98
N SER A 291 0.00 0.26 9.03
CA SER A 291 -0.29 1.67 8.66
C SER A 291 -0.40 2.58 9.91
N GLY A 292 0.53 2.43 10.85
CA GLY A 292 0.56 3.24 12.06
C GLY A 292 -0.54 2.97 13.08
N MSE A 293 -1.31 1.87 12.90
CA MSE A 293 -2.37 1.49 13.85
C MSE A 293 -1.71 0.48 14.79
O MSE A 293 -1.73 -0.72 14.52
CB MSE A 293 -3.59 0.87 13.12
CG MSE A 293 -4.35 1.84 12.24
SE MSE A 293 -5.64 0.87 11.09
CE MSE A 293 -6.43 -0.34 12.32
N LEU A 294 -1.07 0.97 15.85
CA LEU A 294 -0.24 0.13 16.71
C LEU A 294 -1.04 -0.49 17.83
N THR A 295 -1.86 -1.48 17.45
CA THR A 295 -2.79 -2.14 18.35
C THR A 295 -2.53 -3.64 18.37
N LYS A 296 -2.33 -4.18 19.57
CA LYS A 296 -2.00 -5.61 19.75
C LYS A 296 -3.04 -6.62 19.24
N PRO A 297 -4.37 -6.49 19.50
CA PRO A 297 -5.30 -7.55 19.06
C PRO A 297 -5.27 -7.86 17.56
N GLN A 298 -5.11 -6.84 16.73
CA GLN A 298 -5.04 -6.98 15.27
C GLN A 298 -3.70 -7.61 14.89
N PHE A 299 -2.60 -7.22 15.56
CA PHE A 299 -1.29 -7.86 15.31
C PHE A 299 -1.39 -9.36 15.58
N ASP A 300 -1.96 -9.74 16.74
CA ASP A 300 -2.10 -11.17 17.09
C ASP A 300 -2.91 -11.94 16.06
N LEU A 301 -4.00 -11.36 15.56
CA LEU A 301 -4.83 -12.02 14.53
C LEU A 301 -4.02 -12.25 13.25
N VAL A 302 -3.33 -11.21 12.79
CA VAL A 302 -2.54 -11.22 11.56
C VAL A 302 -1.41 -12.24 11.68
N LYS A 303 -0.70 -12.25 12.84
CA LYS A 303 0.37 -13.24 13.05
C LYS A 303 -0.16 -14.68 12.93
N LYS A 304 -1.35 -14.97 13.50
CA LYS A 304 -1.90 -16.35 13.45
C LYS A 304 -2.37 -16.73 12.05
N GLU A 305 -2.89 -15.75 11.28
CA GLU A 305 -3.45 -15.97 9.94
C GLU A 305 -2.43 -16.07 8.83
N VAL A 306 -1.48 -15.12 8.75
CA VAL A 306 -0.47 -15.10 7.67
C VAL A 306 0.93 -15.45 8.13
N GLY A 307 1.21 -15.27 9.41
CA GLY A 307 2.53 -15.55 9.95
C GLY A 307 3.46 -14.36 9.93
N ILE A 308 4.50 -14.44 10.75
CA ILE A 308 5.49 -13.39 10.91
C ILE A 308 6.24 -13.02 9.63
N ASP A 309 6.47 -13.98 8.72
CA ASP A 309 7.24 -13.73 7.50
C ASP A 309 6.54 -12.78 6.53
N ARG A 310 5.24 -12.54 6.74
CA ARG A 310 4.42 -11.74 5.83
C ARG A 310 4.05 -10.37 6.39
N ILE A 311 4.64 -9.99 7.53
CA ILE A 311 4.33 -8.71 8.15
C ILE A 311 5.45 -7.70 7.92
N LEU A 312 5.07 -6.53 7.43
CA LEU A 312 6.00 -5.40 7.21
C LEU A 312 5.62 -4.26 8.12
N TYR A 313 6.55 -3.36 8.44
CA TYR A 313 6.27 -2.23 9.32
C TYR A 313 5.90 -0.99 8.53
N ALA A 314 5.09 -0.11 9.12
CA ALA A 314 4.61 1.11 8.44
C ALA A 314 3.99 2.04 9.47
N ALA A 315 4.13 3.36 9.26
CA ALA A 315 3.61 4.37 10.19
C ALA A 315 2.47 5.22 9.63
N ASP A 316 2.31 5.27 8.30
CA ASP A 316 1.33 6.17 7.62
C ASP A 316 1.79 7.64 7.83
N TYR A 317 3.11 7.84 7.97
CA TYR A 317 3.63 9.19 8.15
C TYR A 317 3.32 10.04 6.91
N PRO A 318 2.90 11.33 7.03
CA PRO A 318 2.70 12.12 8.26
C PRO A 318 1.23 12.19 8.71
N TYR A 319 0.32 11.42 8.05
CA TYR A 319 -1.11 11.43 8.37
C TYR A 319 -1.35 10.86 9.76
N ILE A 320 -0.48 9.92 10.17
CA ILE A 320 -0.35 9.44 11.54
C ILE A 320 1.14 9.66 11.89
N GLU A 321 1.44 10.18 13.10
CA GLU A 321 2.82 10.31 13.59
C GLU A 321 2.86 9.49 14.89
N PRO A 322 2.90 8.13 14.78
CA PRO A 322 2.80 7.30 16.00
C PRO A 322 3.98 7.43 16.94
N GLU A 323 3.70 7.99 18.14
CA GLU A 323 4.71 8.25 19.17
C GLU A 323 5.38 6.98 19.72
N LYS A 324 4.71 5.81 19.58
CA LYS A 324 5.20 4.51 20.05
C LYS A 324 5.76 3.61 18.93
N LEU A 325 5.95 4.18 17.70
CA LEU A 325 6.50 3.39 16.60
C LEU A 325 7.79 2.63 16.96
N GLY A 326 8.72 3.31 17.61
CA GLY A 326 10.01 2.73 17.97
C GLY A 326 10.03 1.73 19.10
N VAL A 327 8.90 1.61 19.87
CA VAL A 327 8.84 0.67 21.00
C VAL A 327 7.72 -0.38 20.86
N PHE A 328 6.78 -0.21 19.92
CA PHE A 328 5.64 -1.11 19.76
C PHE A 328 6.02 -2.56 19.60
N LEU A 329 7.05 -2.83 18.79
CA LEU A 329 7.48 -4.22 18.56
C LEU A 329 8.05 -4.91 19.81
N ASP A 330 8.34 -4.13 20.86
CA ASP A 330 8.84 -4.68 22.14
C ASP A 330 7.68 -5.06 23.09
N GLU A 331 6.42 -4.74 22.74
CA GLU A 331 5.25 -4.96 23.61
C GLU A 331 4.35 -6.09 23.13
N LEU A 332 4.85 -6.93 22.23
CA LEU A 332 4.02 -7.97 21.63
C LEU A 332 4.39 -9.40 21.99
N GLY A 333 5.32 -9.57 22.92
CA GLY A 333 5.81 -10.89 23.33
C GLY A 333 6.54 -11.64 22.23
N LEU A 334 7.24 -10.93 21.35
CA LEU A 334 7.94 -11.52 20.21
C LEU A 334 9.37 -11.93 20.56
N THR A 335 9.90 -12.92 19.84
CA THR A 335 11.33 -13.29 19.94
C THR A 335 12.11 -12.17 19.20
N ASP A 336 13.42 -12.10 19.41
CA ASP A 336 14.30 -11.14 18.71
C ASP A 336 14.25 -11.42 17.21
N GLU A 337 14.20 -12.72 16.80
CA GLU A 337 14.11 -13.12 15.40
C GLU A 337 12.83 -12.48 14.77
N GLU A 338 11.68 -12.62 15.43
CA GLU A 338 10.41 -12.08 14.94
C GLU A 338 10.45 -10.57 14.84
N LYS A 339 11.01 -9.86 15.85
CA LYS A 339 11.14 -8.40 15.84
C LYS A 339 11.99 -7.98 14.66
N GLU A 340 13.13 -8.68 14.45
CA GLU A 340 14.04 -8.38 13.32
C GLU A 340 13.34 -8.50 11.96
N LYS A 341 12.52 -9.57 11.81
CA LYS A 341 11.77 -9.83 10.58
C LYS A 341 10.80 -8.69 10.24
N ILE A 342 9.97 -8.32 11.22
CA ILE A 342 8.99 -7.24 11.03
C ILE A 342 9.67 -5.90 10.85
N SER A 343 10.71 -5.60 11.66
CA SER A 343 11.39 -4.32 11.60
CA SER A 343 11.42 -4.32 11.60
C SER A 343 12.12 -4.09 10.27
N TYR A 344 12.93 -5.07 9.85
CA TYR A 344 13.79 -4.88 8.67
C TYR A 344 13.95 -6.05 7.71
N THR A 345 14.14 -7.28 8.21
CA THR A 345 14.50 -8.39 7.33
C THR A 345 13.48 -8.81 6.30
N ASN A 346 12.17 -8.88 6.68
CA ASN A 346 11.17 -9.25 5.65
C ASN A 346 11.22 -8.23 4.50
N GLY A 347 11.28 -6.94 4.85
CA GLY A 347 11.28 -5.84 3.89
C GLY A 347 12.54 -5.73 3.07
N ALA A 348 13.72 -5.95 3.70
CA ALA A 348 15.02 -5.90 3.00
C ALA A 348 15.07 -7.01 1.92
N LYS A 349 14.50 -8.20 2.23
CA LYS A 349 14.44 -9.31 1.27
C LYS A 349 13.53 -8.94 0.09
N LEU A 350 12.35 -8.41 0.41
CA LEU A 350 11.35 -8.01 -0.58
C LEU A 350 11.88 -6.92 -1.55
N LEU A 351 12.59 -5.93 -1.01
CA LEU A 351 13.15 -4.80 -1.77
C LEU A 351 14.51 -5.09 -2.42
N GLY A 352 15.08 -6.25 -2.12
CA GLY A 352 16.39 -6.64 -2.63
C GLY A 352 17.50 -5.76 -2.08
N LEU A 353 17.43 -5.39 -0.79
CA LEU A 353 18.45 -4.56 -0.14
C LEU A 353 19.61 -5.38 0.40
CA CA B . -1.66 5.88 4.01
#